data_6M5W
#
_entry.id   6M5W
#
_cell.length_a   152.749
_cell.length_b   152.749
_cell.length_c   235.933
_cell.angle_alpha   90.000
_cell.angle_beta   90.000
_cell.angle_gamma   120.000
#
_symmetry.space_group_name_H-M   'P 62 2 2'
#
loop_
_entity.id
_entity.type
_entity.pdbx_description
1 polymer 'Serine hydroxymethyltransferase, cytosolic'
2 non-polymer "PYRIDOXAL-5'-PHOSPHATE"
3 non-polymer '(3ALPHA,5BETA,12ALPHA)-3,12-DIHYDROXYCHOLAN-24-OIC ACID'
4 non-polymer GLYCINE
#
_entity_poly.entity_id   1
_entity_poly.type   'polypeptide(L)'
_entity_poly.pdbx_seq_one_letter_code
;MGSSHHHHHHSSGLVPRGSHMTMPVNGAHKDADLWSSHDKMLAQPLKDSDVEVYNIIKKESNRQRVGLELIASENFASRA
VLEALGSCLNNKYSEGYPGQRYYGGTEFIDELETLCQKRALQAYKLDPQCWGVNVQPYSGSPANFAVYTALVEPHGRIMG
LDLPDGGHLTHGFMTDKKKISATSIFFESMPYKVNPDTGYINYDQLEENARLFHPKLIIAGTSCYSRNLEYARLRKIADE
NGAYLMADMAHISGLVAAGVVPSPFEHCHVVTTTTHKTLRGCRAGMIFYRKGVKSVDPKTGKEILYNLESLINSAVFPGL
QGGPHNHAIAGVAVALKQAMTLEFKVYQHQVVANCRALSEALTELGYKIVTGGSDNHLILVDLRSKGTDGGRAEKVLEAC
SIACNKNTCPGDRSALRPSGLRLGTPALTSRGLLEKDFQKVAHFIHRGIELTLQIQSDTGVRATLKEFKERLAGDKYQAA
VQALREEVESFASLFPLPGLPDF
;
_entity_poly.pdbx_strand_id   A
#
loop_
_chem_comp.id
_chem_comp.type
_chem_comp.name
_chem_comp.formula
DXC non-polymer '(3ALPHA,5BETA,12ALPHA)-3,12-DIHYDROXYCHOLAN-24-OIC ACID' 'C24 H40 O4'
PLP non-polymer PYRIDOXAL-5'-PHOSPHATE 'C8 H10 N O6 P'
#
# COMPACT_ATOMS: atom_id res chain seq x y z
N ASP A 31 -43.97 -35.34 7.45
CA ASP A 31 -42.60 -35.52 6.99
C ASP A 31 -41.64 -34.55 7.68
N ALA A 32 -40.38 -34.97 7.82
CA ALA A 32 -39.35 -34.15 8.45
C ALA A 32 -38.86 -33.12 7.43
N ASP A 33 -39.34 -31.88 7.57
CA ASP A 33 -39.01 -30.82 6.62
C ASP A 33 -38.16 -29.77 7.32
N LEU A 34 -36.88 -30.08 7.49
CA LEU A 34 -35.87 -29.06 7.72
C LEU A 34 -35.36 -28.50 6.40
N TRP A 35 -36.02 -28.83 5.29
CA TRP A 35 -35.63 -28.35 3.97
C TRP A 35 -36.08 -26.93 3.73
N SER A 36 -37.29 -26.57 4.20
CA SER A 36 -37.67 -25.17 4.22
C SER A 36 -36.88 -24.39 5.26
N SER A 37 -36.26 -25.07 6.21
CA SER A 37 -35.36 -24.43 7.17
C SER A 37 -34.00 -24.16 6.55
N HIS A 38 -33.44 -25.16 5.86
CA HIS A 38 -32.22 -24.94 5.09
C HIS A 38 -32.37 -23.72 4.19
N ASP A 39 -33.52 -23.57 3.56
CA ASP A 39 -33.80 -22.37 2.79
C ASP A 39 -33.63 -21.12 3.64
N LYS A 40 -34.17 -21.15 4.86
CA LYS A 40 -34.04 -20.00 5.75
C LYS A 40 -32.58 -19.69 6.06
N MET A 41 -31.78 -20.73 6.30
CA MET A 41 -30.38 -20.53 6.68
C MET A 41 -29.62 -19.72 5.63
N LEU A 42 -29.91 -19.96 4.36
CA LEU A 42 -29.21 -19.22 3.30
C LEU A 42 -29.63 -17.76 3.24
N ALA A 43 -30.83 -17.44 3.72
CA ALA A 43 -31.32 -16.07 3.74
C ALA A 43 -31.30 -15.46 5.14
N GLN A 44 -30.83 -16.21 6.13
CA GLN A 44 -30.73 -15.69 7.49
C GLN A 44 -29.66 -14.60 7.56
N PRO A 45 -29.93 -13.49 8.23
CA PRO A 45 -28.93 -12.41 8.33
C PRO A 45 -27.75 -12.80 9.20
N LEU A 46 -26.67 -12.04 9.04
CA LEU A 46 -25.44 -12.35 9.77
C LEU A 46 -25.67 -12.35 11.28
N LYS A 47 -26.33 -11.30 11.79
CA LYS A 47 -26.53 -11.19 13.23
C LYS A 47 -27.18 -12.45 13.81
N ASP A 48 -27.98 -13.15 13.02
CA ASP A 48 -28.67 -14.35 13.47
C ASP A 48 -27.94 -15.64 13.14
N SER A 49 -27.41 -15.75 11.92
CA SER A 49 -26.72 -16.96 11.51
C SER A 49 -25.51 -17.24 12.40
N ASP A 50 -24.69 -16.22 12.65
CA ASP A 50 -23.41 -16.42 13.32
C ASP A 50 -23.08 -15.14 14.12
N VAL A 51 -23.70 -15.02 15.29
CA VAL A 51 -23.44 -13.87 16.14
C VAL A 51 -21.96 -13.78 16.52
N GLU A 52 -21.25 -14.90 16.48
CA GLU A 52 -19.85 -14.89 16.90
C GLU A 52 -19.01 -14.00 16.02
N VAL A 53 -19.17 -14.10 14.70
CA VAL A 53 -18.44 -13.19 13.82
C VAL A 53 -19.13 -11.84 13.76
N TYR A 54 -20.45 -11.80 13.93
CA TYR A 54 -21.12 -10.51 14.01
C TYR A 54 -20.57 -9.68 15.16
N ASN A 55 -20.28 -10.33 16.28
CA ASN A 55 -19.64 -9.63 17.40
C ASN A 55 -18.23 -9.19 17.04
N ILE A 56 -17.44 -10.11 16.45
CA ILE A 56 -16.07 -9.76 16.08
C ILE A 56 -16.06 -8.55 15.15
N ILE A 57 -17.03 -8.46 14.25
CA ILE A 57 -17.07 -7.33 13.32
C ILE A 57 -17.43 -6.04 14.04
N LYS A 58 -18.55 -6.05 14.78
CA LYS A 58 -18.94 -4.85 15.50
C LYS A 58 -17.96 -4.47 16.60
N LYS A 59 -17.15 -5.43 17.08
CA LYS A 59 -16.05 -5.07 17.97
C LYS A 59 -14.97 -4.30 17.22
N GLU A 60 -14.57 -4.78 16.05
CA GLU A 60 -13.55 -4.11 15.26
C GLU A 60 -14.04 -2.74 14.79
N SER A 61 -15.27 -2.68 14.27
CA SER A 61 -15.84 -1.39 13.88
C SER A 61 -15.64 -0.35 14.98
N ASN A 62 -15.91 -0.74 16.23
CA ASN A 62 -15.70 0.17 17.34
C ASN A 62 -14.23 0.51 17.50
N ARG A 63 -13.37 -0.51 17.50
CA ARG A 63 -11.93 -0.28 17.66
C ARG A 63 -11.43 0.75 16.65
N GLN A 64 -11.90 0.67 15.41
CA GLN A 64 -11.45 1.60 14.38
C GLN A 64 -11.88 3.03 14.70
N ARG A 65 -13.07 3.21 15.27
CA ARG A 65 -13.61 4.55 15.47
C ARG A 65 -12.95 5.26 16.63
N VAL A 66 -12.48 4.54 17.64
CA VAL A 66 -11.86 5.14 18.81
C VAL A 66 -10.34 5.16 18.70
N GLY A 67 -9.80 4.96 17.51
CA GLY A 67 -8.36 4.90 17.31
C GLY A 67 -7.87 5.95 16.32
N LEU A 68 -6.73 6.55 16.63
CA LEU A 68 -6.03 7.41 15.69
C LEU A 68 -5.20 6.52 14.78
N GLU A 69 -5.70 6.26 13.58
CA GLU A 69 -5.05 5.35 12.64
C GLU A 69 -4.01 6.13 11.85
N LEU A 70 -2.73 5.84 12.10
CA LEU A 70 -1.63 6.46 11.39
C LEU A 70 -0.82 5.47 10.56
N ILE A 71 -1.21 4.20 10.54
CA ILE A 71 -0.54 3.23 9.67
C ILE A 71 -0.64 3.71 8.23
N ALA A 72 0.51 3.87 7.58
CA ALA A 72 0.56 4.55 6.30
C ALA A 72 -0.33 3.89 5.25
N SER A 73 -0.45 2.57 5.29
CA SER A 73 -1.13 1.81 4.24
C SER A 73 -2.60 1.58 4.53
N GLU A 74 -3.15 2.21 5.56
CA GLU A 74 -4.54 1.99 5.93
C GLU A 74 -5.44 3.01 5.24
N ASN A 75 -6.74 2.82 5.40
CA ASN A 75 -7.81 3.74 4.93
C ASN A 75 -9.14 3.11 5.22
N PHE A 76 -10.18 3.92 5.14
CA PHE A 76 -11.54 3.46 5.42
C PHE A 76 -12.33 3.45 4.12
N ALA A 77 -12.84 2.27 3.75
CA ALA A 77 -13.47 2.12 2.45
C ALA A 77 -14.86 2.74 2.43
N SER A 78 -15.23 3.29 1.27
CA SER A 78 -16.53 3.89 1.09
C SER A 78 -17.64 2.88 1.38
N ARG A 79 -18.78 3.40 1.84
CA ARG A 79 -19.95 2.56 2.03
C ARG A 79 -20.53 2.07 0.70
N ALA A 80 -20.28 2.80 -0.39
CA ALA A 80 -20.68 2.32 -1.71
C ALA A 80 -19.78 1.19 -2.19
N VAL A 81 -18.51 1.18 -1.76
CA VAL A 81 -17.63 0.07 -2.09
C VAL A 81 -17.99 -1.16 -1.29
N LEU A 82 -18.30 -0.98 -0.01
CA LEU A 82 -18.60 -2.13 0.85
C LEU A 82 -19.91 -2.82 0.44
N GLU A 83 -20.85 -2.07 -0.12
CA GLU A 83 -22.08 -2.70 -0.60
C GLU A 83 -21.80 -3.55 -1.83
N ALA A 84 -21.22 -2.94 -2.87
CA ALA A 84 -20.88 -3.69 -4.07
C ALA A 84 -20.06 -4.93 -3.75
N LEU A 85 -19.23 -4.86 -2.70
CA LEU A 85 -18.35 -5.96 -2.34
C LEU A 85 -19.14 -7.25 -2.12
N GLY A 86 -20.05 -7.24 -1.15
CA GLY A 86 -20.86 -8.42 -0.88
C GLY A 86 -22.16 -8.41 -1.64
N SER A 87 -22.14 -8.93 -2.87
CA SER A 87 -23.33 -8.95 -3.71
C SER A 87 -23.36 -10.26 -4.49
N CYS A 88 -24.47 -10.49 -5.18
CA CYS A 88 -24.61 -11.69 -6.00
C CYS A 88 -23.49 -11.82 -7.03
N LEU A 89 -22.72 -10.76 -7.28
CA LEU A 89 -21.55 -10.85 -8.13
C LEU A 89 -20.56 -11.89 -7.61
N ASN A 90 -20.65 -12.24 -6.33
CA ASN A 90 -19.76 -13.23 -5.75
C ASN A 90 -19.94 -14.60 -6.40
N ASN A 91 -21.09 -14.85 -7.02
CA ASN A 91 -21.46 -16.20 -7.44
C ASN A 91 -20.91 -16.58 -8.81
N LYS A 92 -20.90 -15.66 -9.77
CA LYS A 92 -20.56 -16.02 -11.14
C LYS A 92 -19.06 -16.30 -11.27
N TYR A 93 -18.72 -17.55 -11.64
CA TYR A 93 -17.40 -17.85 -12.17
C TYR A 93 -17.30 -17.28 -13.58
N SER A 94 -16.20 -16.59 -13.89
CA SER A 94 -16.07 -15.93 -15.19
C SER A 94 -14.63 -16.00 -15.70
N GLU A 95 -14.05 -17.20 -15.64
CA GLU A 95 -12.65 -17.37 -16.04
C GLU A 95 -12.42 -16.85 -17.45
N GLY A 96 -11.29 -16.18 -17.67
CA GLY A 96 -10.97 -15.55 -18.93
C GLY A 96 -11.09 -14.04 -18.86
N TYR A 97 -11.34 -13.47 -20.02
CA TYR A 97 -11.52 -12.04 -20.19
C TYR A 97 -12.71 -11.75 -21.08
N PRO A 98 -13.19 -10.50 -21.10
CA PRO A 98 -14.31 -10.16 -21.99
C PRO A 98 -13.96 -10.44 -23.44
N GLY A 99 -14.81 -11.21 -24.11
CA GLY A 99 -14.50 -11.70 -25.43
C GLY A 99 -13.64 -12.95 -25.45
N GLN A 100 -13.18 -13.41 -24.29
CA GLN A 100 -12.50 -14.69 -24.17
C GLN A 100 -12.93 -15.40 -22.89
N ARG A 101 -14.21 -15.31 -22.54
CA ARG A 101 -14.72 -16.11 -21.45
C ARG A 101 -14.72 -17.57 -21.87
N TYR A 102 -15.09 -18.46 -20.95
CA TYR A 102 -15.09 -19.88 -21.27
C TYR A 102 -16.43 -20.56 -21.09
N TYR A 103 -17.29 -20.07 -20.20
CA TYR A 103 -18.62 -20.64 -20.06
C TYR A 103 -19.68 -19.56 -20.26
N GLY A 104 -20.87 -19.99 -20.67
CA GLY A 104 -21.93 -19.06 -20.99
C GLY A 104 -22.53 -18.45 -19.74
N GLY A 105 -22.59 -17.13 -19.70
CA GLY A 105 -23.23 -16.41 -18.60
C GLY A 105 -22.55 -15.11 -18.31
N THR A 106 -21.41 -14.87 -18.94
CA THR A 106 -20.56 -13.70 -18.67
C THR A 106 -20.98 -12.47 -19.48
N GLU A 107 -22.24 -12.10 -19.43
CA GLU A 107 -22.69 -10.94 -20.21
C GLU A 107 -22.73 -9.73 -19.31
N PHE A 108 -23.19 -9.92 -18.09
CA PHE A 108 -23.14 -8.76 -17.19
C PHE A 108 -21.81 -8.63 -16.48
N ILE A 109 -21.14 -9.75 -16.18
CA ILE A 109 -19.77 -9.68 -15.69
C ILE A 109 -18.87 -9.04 -16.73
N ASP A 110 -19.24 -9.12 -18.01
CA ASP A 110 -18.48 -8.43 -19.05
C ASP A 110 -18.75 -6.93 -19.03
N GLU A 111 -20.02 -6.53 -18.95
CA GLU A 111 -20.34 -5.11 -18.80
C GLU A 111 -19.53 -4.49 -17.66
N LEU A 112 -19.25 -5.27 -16.62
CA LEU A 112 -18.52 -4.76 -15.47
C LEU A 112 -17.03 -4.64 -15.76
N GLU A 113 -16.37 -5.77 -16.06
CA GLU A 113 -14.92 -5.77 -16.21
C GLU A 113 -14.45 -4.75 -17.24
N THR A 114 -15.23 -4.51 -18.29
CA THR A 114 -14.82 -3.48 -19.25
C THR A 114 -15.20 -2.08 -18.79
N LEU A 115 -16.31 -1.94 -18.04
CA LEU A 115 -16.60 -0.66 -17.41
C LEU A 115 -15.53 -0.30 -16.38
N CYS A 116 -15.03 -1.31 -15.66
CA CYS A 116 -14.02 -1.05 -14.63
C CYS A 116 -12.71 -0.62 -15.26
N GLN A 117 -12.12 -1.47 -16.09
CA GLN A 117 -10.86 -1.09 -16.73
C GLN A 117 -11.01 0.17 -17.58
N LYS A 118 -12.22 0.47 -18.06
CA LYS A 118 -12.46 1.76 -18.71
C LYS A 118 -12.30 2.91 -17.73
N ARG A 119 -12.88 2.77 -16.53
CA ARG A 119 -12.73 3.81 -15.52
C ARG A 119 -11.28 3.98 -15.09
N ALA A 120 -10.55 2.86 -14.98
CA ALA A 120 -9.15 2.94 -14.61
C ALA A 120 -8.39 3.84 -15.57
N LEU A 121 -8.44 3.51 -16.87
CA LEU A 121 -7.70 4.30 -17.86
C LEU A 121 -8.08 5.77 -17.82
N GLN A 122 -9.29 6.10 -17.37
CA GLN A 122 -9.67 7.49 -17.23
C GLN A 122 -9.04 8.11 -16.00
N ALA A 123 -9.12 7.41 -14.86
CA ALA A 123 -8.64 7.98 -13.60
C ALA A 123 -7.25 8.56 -13.73
N TYR A 124 -6.40 7.91 -14.52
CA TYR A 124 -5.04 8.37 -14.75
C TYR A 124 -4.86 9.02 -16.12
N LYS A 125 -5.96 9.25 -16.84
CA LYS A 125 -5.95 10.04 -18.06
C LYS A 125 -4.93 9.48 -19.07
N LEU A 126 -5.13 8.20 -19.40
CA LEU A 126 -4.27 7.49 -20.32
C LEU A 126 -5.02 7.22 -21.62
N ASP A 127 -4.34 7.45 -22.74
CA ASP A 127 -4.93 7.15 -24.04
C ASP A 127 -5.15 5.65 -24.16
N PRO A 128 -6.40 5.18 -24.23
CA PRO A 128 -6.62 3.73 -24.30
C PRO A 128 -5.84 3.04 -25.40
N GLN A 129 -5.49 3.76 -26.45
CA GLN A 129 -4.66 3.22 -27.53
C GLN A 129 -3.18 3.20 -27.18
N CYS A 130 -2.80 3.74 -26.02
CA CYS A 130 -1.43 3.65 -25.53
C CYS A 130 -1.31 2.92 -24.20
N TRP A 131 -2.42 2.58 -23.56
CA TRP A 131 -2.40 1.93 -22.26
C TRP A 131 -3.55 0.93 -22.18
N GLY A 132 -3.22 -0.30 -21.78
CA GLY A 132 -4.19 -1.29 -21.40
C GLY A 132 -4.10 -1.52 -19.91
N VAL A 133 -5.14 -2.18 -19.39
CA VAL A 133 -5.19 -2.45 -17.95
C VAL A 133 -5.85 -3.80 -17.73
N ASN A 134 -5.37 -4.51 -16.70
CA ASN A 134 -5.90 -5.80 -16.28
C ASN A 134 -6.35 -5.65 -14.84
N VAL A 135 -7.61 -5.93 -14.56
CA VAL A 135 -8.20 -5.60 -13.26
C VAL A 135 -8.53 -6.85 -12.45
N GLN A 136 -8.00 -8.01 -12.84
CA GLN A 136 -8.34 -9.25 -12.16
C GLN A 136 -7.44 -9.57 -10.96
N PRO A 137 -6.17 -9.12 -10.92
CA PRO A 137 -5.30 -9.50 -9.80
C PRO A 137 -5.98 -9.43 -8.44
N TYR A 138 -5.74 -10.46 -7.62
CA TYR A 138 -6.49 -10.64 -6.38
C TYR A 138 -6.15 -9.55 -5.37
N SER A 139 -4.87 -9.26 -5.20
CA SER A 139 -4.43 -8.19 -4.30
C SER A 139 -3.22 -7.53 -4.95
N GLY A 140 -2.46 -6.78 -4.16
CA GLY A 140 -1.31 -6.07 -4.68
C GLY A 140 -0.17 -7.00 -5.03
N SER A 141 0.33 -7.74 -4.03
CA SER A 141 1.37 -8.73 -4.27
C SER A 141 1.07 -9.63 -5.46
N PRO A 142 -0.11 -10.24 -5.57
CA PRO A 142 -0.39 -11.04 -6.77
C PRO A 142 -0.29 -10.23 -8.06
N ALA A 143 -0.57 -8.94 -8.02
CA ALA A 143 -0.39 -8.11 -9.21
C ALA A 143 1.08 -8.07 -9.61
N ASN A 144 1.94 -7.65 -8.68
CA ASN A 144 3.36 -7.56 -8.99
C ASN A 144 3.90 -8.89 -9.53
N PHE A 145 3.63 -9.98 -8.82
CA PHE A 145 4.19 -11.27 -9.22
C PHE A 145 3.75 -11.65 -10.63
N ALA A 146 2.53 -11.31 -11.02
CA ALA A 146 2.07 -11.62 -12.36
C ALA A 146 2.93 -10.91 -13.41
N VAL A 147 3.34 -9.68 -13.11
CA VAL A 147 4.15 -8.92 -14.07
C VAL A 147 5.49 -9.60 -14.28
N TYR A 148 6.15 -9.99 -13.19
CA TYR A 148 7.42 -10.69 -13.33
C TYR A 148 7.25 -11.97 -14.15
N THR A 149 6.21 -12.75 -13.86
CA THR A 149 5.98 -13.98 -14.60
C THR A 149 5.84 -13.70 -16.09
N ALA A 150 5.22 -12.58 -16.46
CA ALA A 150 4.91 -12.29 -17.85
C ALA A 150 6.06 -11.64 -18.61
N LEU A 151 6.91 -10.87 -17.92
CA LEU A 151 7.95 -10.11 -18.60
C LEU A 151 9.37 -10.56 -18.28
N VAL A 152 9.58 -11.24 -17.16
CA VAL A 152 10.93 -11.58 -16.69
C VAL A 152 11.23 -13.06 -16.88
N GLU A 153 10.27 -13.93 -16.61
CA GLU A 153 10.49 -15.37 -16.76
C GLU A 153 11.41 -15.87 -15.64
N PRO A 154 11.37 -17.16 -15.34
CA PRO A 154 12.05 -17.65 -14.13
C PRO A 154 13.56 -17.40 -14.16
N HIS A 155 14.06 -16.85 -13.06
CA HIS A 155 15.47 -16.58 -12.81
C HIS A 155 15.96 -15.36 -13.57
N GLY A 156 15.05 -14.58 -14.16
CA GLY A 156 15.42 -13.28 -14.68
C GLY A 156 15.68 -12.31 -13.55
N ARG A 157 16.66 -11.42 -13.76
CA ARG A 157 17.11 -10.56 -12.68
C ARG A 157 16.19 -9.36 -12.51
N ILE A 158 15.93 -9.01 -11.26
CA ILE A 158 15.05 -7.90 -10.90
C ILE A 158 15.78 -7.05 -9.86
N MET A 159 15.60 -5.74 -9.95
CA MET A 159 16.21 -4.79 -9.04
C MET A 159 15.12 -3.91 -8.44
N GLY A 160 14.95 -3.99 -7.11
CA GLY A 160 13.98 -3.16 -6.41
C GLY A 160 14.62 -2.50 -5.20
N LEU A 161 13.93 -1.49 -4.69
CA LEU A 161 14.40 -0.82 -3.49
C LEU A 161 14.53 -1.82 -2.35
N ASP A 162 15.61 -1.72 -1.58
CA ASP A 162 15.82 -2.68 -0.51
C ASP A 162 14.73 -2.55 0.54
N LEU A 163 14.40 -3.68 1.17
CA LEU A 163 13.33 -3.75 2.14
C LEU A 163 13.55 -2.71 3.25
N PRO A 164 14.66 -2.78 3.98
CA PRO A 164 14.85 -1.83 5.08
C PRO A 164 15.00 -0.39 4.64
N ASP A 165 15.27 -0.14 3.36
CA ASP A 165 15.35 1.22 2.85
C ASP A 165 14.02 1.73 2.31
N GLY A 166 12.96 0.93 2.40
CA GLY A 166 11.63 1.41 2.05
C GLY A 166 11.01 0.74 0.83
N GLY A 167 11.33 -0.54 0.61
CA GLY A 167 10.80 -1.28 -0.51
C GLY A 167 9.91 -2.41 -0.04
N HIS A 168 8.89 -2.70 -0.83
CA HIS A 168 7.94 -3.75 -0.44
C HIS A 168 8.57 -5.12 -0.60
N LEU A 169 8.00 -6.09 0.11
CA LEU A 169 8.53 -7.46 0.06
C LEU A 169 8.61 -7.99 -1.36
N THR A 170 7.58 -7.73 -2.16
CA THR A 170 7.51 -8.30 -3.50
C THR A 170 8.48 -7.66 -4.49
N HIS A 171 9.21 -6.62 -4.08
CA HIS A 171 10.26 -6.05 -4.90
C HIS A 171 11.58 -6.82 -4.78
N GLY A 172 11.56 -7.96 -4.10
CA GLY A 172 12.76 -8.73 -3.87
C GLY A 172 13.25 -8.62 -2.44
N PHE A 173 13.48 -9.77 -1.81
CA PHE A 173 14.05 -9.79 -0.47
C PHE A 173 14.66 -11.16 -0.21
N MET A 174 15.93 -11.18 0.17
CA MET A 174 16.65 -12.42 0.41
C MET A 174 17.87 -12.14 1.26
N THR A 175 18.21 -13.08 2.14
CA THR A 175 19.36 -12.97 3.03
C THR A 175 20.43 -13.98 2.58
N ASP A 176 21.58 -13.93 3.26
CA ASP A 176 22.65 -14.89 2.96
C ASP A 176 22.12 -16.31 2.94
N LYS A 177 21.18 -16.62 3.83
CA LYS A 177 20.78 -17.99 4.12
C LYS A 177 19.68 -18.48 3.18
N LYS A 178 18.53 -17.79 3.16
CA LYS A 178 17.37 -18.24 2.40
C LYS A 178 16.77 -17.08 1.62
N LYS A 179 16.21 -17.42 0.46
CA LYS A 179 15.40 -16.47 -0.29
C LYS A 179 14.00 -16.46 0.33
N ILE A 180 13.54 -15.27 0.72
CA ILE A 180 12.34 -15.14 1.55
C ILE A 180 11.11 -14.77 0.73
N SER A 181 11.19 -13.71 -0.06
CA SER A 181 10.06 -13.30 -0.88
C SER A 181 9.96 -14.18 -2.11
N ALA A 182 8.74 -14.58 -2.45
CA ALA A 182 8.52 -15.36 -3.66
C ALA A 182 9.21 -14.73 -4.85
N THR A 183 9.21 -13.40 -4.92
CA THR A 183 9.92 -12.72 -6.00
C THR A 183 11.39 -13.13 -6.04
N SER A 184 12.00 -13.33 -4.88
CA SER A 184 13.40 -13.72 -4.82
C SER A 184 13.60 -15.22 -4.95
N ILE A 185 12.56 -16.03 -4.73
CA ILE A 185 12.68 -17.47 -4.90
C ILE A 185 12.71 -17.86 -6.37
N PHE A 186 11.68 -17.45 -7.10
CA PHE A 186 11.55 -17.81 -8.51
C PHE A 186 12.31 -16.89 -9.45
N PHE A 187 12.80 -15.76 -8.96
CA PHE A 187 13.58 -14.83 -9.75
C PHE A 187 14.84 -14.46 -8.97
N GLU A 188 15.83 -13.94 -9.68
CA GLU A 188 17.09 -13.50 -9.07
C GLU A 188 17.03 -11.98 -8.88
N SER A 189 16.91 -11.55 -7.63
CA SER A 189 16.80 -10.15 -7.28
C SER A 189 18.07 -9.65 -6.61
N MET A 190 18.28 -8.33 -6.69
CA MET A 190 19.36 -7.65 -6.00
C MET A 190 18.87 -6.23 -5.73
N PRO A 191 18.92 -5.78 -4.47
CA PRO A 191 18.37 -4.46 -4.15
C PRO A 191 19.33 -3.34 -4.49
N TYR A 192 18.77 -2.14 -4.59
CA TYR A 192 19.52 -0.90 -4.59
C TYR A 192 19.05 -0.07 -3.41
N LYS A 193 19.97 0.65 -2.79
CA LYS A 193 19.72 1.20 -1.46
C LYS A 193 19.55 2.71 -1.48
N VAL A 194 18.99 3.21 -0.40
CA VAL A 194 18.90 4.64 -0.14
C VAL A 194 20.25 5.13 0.37
N ASN A 195 20.53 6.42 0.15
CA ASN A 195 21.76 7.01 0.63
C ASN A 195 21.59 7.41 2.09
N PRO A 196 22.29 6.74 3.02
CA PRO A 196 22.05 7.01 4.44
C PRO A 196 22.40 8.43 4.86
N ASP A 197 23.28 9.11 4.13
CA ASP A 197 23.63 10.48 4.50
C ASP A 197 22.51 11.45 4.14
N THR A 198 21.85 11.23 3.01
CA THR A 198 20.76 12.11 2.59
C THR A 198 19.38 11.54 2.92
N GLY A 199 19.20 10.23 2.81
CA GLY A 199 17.91 9.60 2.95
C GLY A 199 17.20 9.33 1.63
N TYR A 200 17.73 9.85 0.53
CA TYR A 200 17.15 9.67 -0.79
C TYR A 200 17.72 8.44 -1.47
N ILE A 201 16.94 7.88 -2.40
CA ILE A 201 17.43 6.81 -3.24
C ILE A 201 18.76 7.20 -3.87
N ASN A 202 19.71 6.26 -3.87
CA ASN A 202 21.03 6.52 -4.42
C ASN A 202 21.04 6.10 -5.89
N TYR A 203 20.51 6.99 -6.74
CA TYR A 203 20.39 6.65 -8.15
C TYR A 203 21.74 6.47 -8.82
N ASP A 204 22.76 7.21 -8.39
CA ASP A 204 24.08 7.05 -9.00
C ASP A 204 24.62 5.65 -8.80
N GLN A 205 24.43 5.08 -7.60
CA GLN A 205 24.90 3.72 -7.34
C GLN A 205 24.05 2.69 -8.08
N LEU A 206 22.76 2.94 -8.20
CA LEU A 206 21.90 2.04 -8.97
C LEU A 206 22.37 1.97 -10.42
N GLU A 207 22.46 3.13 -11.08
CA GLU A 207 22.95 3.19 -12.45
C GLU A 207 24.25 2.41 -12.60
N GLU A 208 25.09 2.44 -11.57
CA GLU A 208 26.39 1.79 -11.64
C GLU A 208 26.28 0.28 -11.47
N ASN A 209 25.63 -0.17 -10.39
CA ASN A 209 25.51 -1.59 -10.13
C ASN A 209 24.68 -2.29 -11.20
N ALA A 210 23.70 -1.60 -11.77
CA ALA A 210 22.89 -2.22 -12.81
C ALA A 210 23.76 -2.74 -13.94
N ARG A 211 24.85 -2.04 -14.26
CA ARG A 211 25.74 -2.50 -15.32
C ARG A 211 26.47 -3.78 -14.94
N LEU A 212 26.56 -4.11 -13.65
CA LEU A 212 27.16 -5.36 -13.22
C LEU A 212 26.14 -6.47 -13.07
N PHE A 213 24.91 -6.14 -12.68
CA PHE A 213 23.87 -7.12 -12.42
C PHE A 213 23.05 -7.43 -13.67
N HIS A 214 22.87 -6.45 -14.55
CA HIS A 214 22.11 -6.62 -15.79
C HIS A 214 20.65 -6.92 -15.46
N PRO A 215 19.94 -5.99 -14.82
CA PRO A 215 18.52 -6.22 -14.55
C PRO A 215 17.77 -6.52 -15.84
N LYS A 216 16.66 -7.27 -15.71
CA LYS A 216 15.70 -7.37 -16.79
C LYS A 216 14.47 -6.51 -16.52
N LEU A 217 14.24 -6.12 -15.27
CA LEU A 217 13.12 -5.28 -14.89
C LEU A 217 13.50 -4.54 -13.62
N ILE A 218 13.34 -3.21 -13.65
CA ILE A 218 13.63 -2.35 -12.50
C ILE A 218 12.31 -1.91 -11.90
N ILE A 219 12.22 -1.97 -10.58
CA ILE A 219 10.99 -1.63 -9.86
C ILE A 219 11.11 -0.22 -9.33
N ALA A 220 10.25 0.68 -9.82
CA ALA A 220 10.21 2.06 -9.34
C ALA A 220 8.99 2.22 -8.45
N GLY A 221 9.11 1.72 -7.22
CA GLY A 221 8.03 1.80 -6.26
C GLY A 221 8.56 1.61 -4.85
N THR A 222 7.79 2.11 -3.89
CA THR A 222 8.17 2.05 -2.49
C THR A 222 6.93 1.83 -1.64
N SER A 223 7.15 1.41 -0.40
CA SER A 223 6.10 1.33 0.60
C SER A 223 6.41 2.18 1.83
N CYS A 224 7.56 2.83 1.86
CA CYS A 224 7.93 3.71 2.96
C CYS A 224 8.99 4.69 2.51
N TYR A 225 8.62 5.62 1.64
CA TYR A 225 9.54 6.60 1.10
C TYR A 225 8.86 7.96 1.17
N SER A 226 9.52 8.93 1.80
CA SER A 226 8.89 10.22 2.07
C SER A 226 8.69 11.04 0.80
N ARG A 227 9.51 10.82 -0.22
CA ARG A 227 9.65 11.76 -1.33
C ARG A 227 9.32 11.11 -2.67
N ASN A 228 9.47 11.89 -3.74
CA ASN A 228 9.09 11.45 -5.07
C ASN A 228 10.20 10.63 -5.71
N LEU A 229 9.80 9.79 -6.66
CA LEU A 229 10.74 8.99 -7.43
C LEU A 229 11.15 9.74 -8.68
N GLU A 230 12.42 9.59 -9.05
CA GLU A 230 12.91 10.13 -10.32
C GLU A 230 12.67 9.10 -11.42
N TYR A 231 11.38 8.87 -11.70
CA TYR A 231 11.00 8.00 -12.80
C TYR A 231 11.76 8.37 -14.07
N ALA A 232 11.93 9.68 -14.31
CA ALA A 232 12.68 10.12 -15.47
C ALA A 232 14.06 9.48 -15.51
N ARG A 233 14.75 9.47 -14.37
CA ARG A 233 16.10 8.91 -14.30
C ARG A 233 16.10 7.39 -14.22
N LEU A 234 15.09 6.80 -13.58
CA LEU A 234 15.02 5.34 -13.54
C LEU A 234 14.74 4.76 -14.92
N ARG A 235 13.99 5.48 -15.74
CA ARG A 235 13.76 5.04 -17.12
C ARG A 235 15.08 5.05 -17.90
N LYS A 236 15.90 6.07 -17.69
CA LYS A 236 17.19 6.12 -18.36
C LYS A 236 18.07 4.93 -17.96
N ILE A 237 18.11 4.61 -16.66
CA ILE A 237 18.92 3.48 -16.23
C ILE A 237 18.41 2.18 -16.84
N ALA A 238 17.08 2.02 -16.91
CA ALA A 238 16.53 0.79 -17.47
C ALA A 238 16.80 0.68 -18.96
N ASP A 239 16.69 1.80 -19.69
CA ASP A 239 16.95 1.76 -21.12
C ASP A 239 18.40 1.45 -21.41
N GLU A 240 19.32 1.98 -20.61
CA GLU A 240 20.75 1.71 -20.80
C GLU A 240 21.11 0.27 -20.54
N ASN A 241 20.31 -0.45 -19.74
CA ASN A 241 20.56 -1.85 -19.45
C ASN A 241 19.63 -2.78 -20.21
N GLY A 242 18.67 -2.23 -20.96
CA GLY A 242 17.72 -3.05 -21.68
C GLY A 242 16.72 -3.76 -20.80
N ALA A 243 16.19 -3.07 -19.79
CA ALA A 243 15.29 -3.67 -18.81
C ALA A 243 13.99 -2.88 -18.74
N TYR A 244 12.89 -3.60 -18.54
CA TYR A 244 11.62 -2.94 -18.30
C TYR A 244 11.70 -2.09 -17.04
N LEU A 245 10.94 -0.98 -17.04
CA LEU A 245 10.77 -0.16 -15.85
C LEU A 245 9.31 -0.24 -15.44
N MET A 246 9.05 -0.84 -14.29
CA MET A 246 7.70 -0.96 -13.76
C MET A 246 7.60 -0.20 -12.46
N ALA A 247 6.55 0.61 -12.32
CA ALA A 247 6.29 1.35 -11.11
C ALA A 247 5.29 0.58 -10.24
N ASP A 248 5.49 0.64 -8.93
CA ASP A 248 4.58 0.04 -7.95
C ASP A 248 3.97 1.19 -7.15
N MET A 249 3.01 1.89 -7.76
CA MET A 249 2.42 3.06 -7.16
C MET A 249 1.31 2.71 -6.16
N ALA A 250 1.30 1.49 -5.62
CA ALA A 250 0.25 1.10 -4.69
C ALA A 250 0.07 2.13 -3.59
N HIS A 251 1.17 2.67 -3.07
CA HIS A 251 1.12 3.57 -1.93
C HIS A 251 0.73 5.01 -2.30
N ILE A 252 0.78 5.38 -3.58
CA ILE A 252 0.47 6.75 -3.96
C ILE A 252 -0.54 6.75 -5.11
N SER A 253 -1.20 5.62 -5.34
CA SER A 253 -2.20 5.54 -6.39
C SER A 253 -3.23 6.66 -6.25
N GLY A 254 -3.74 6.87 -5.03
CA GLY A 254 -4.67 7.96 -4.80
C GLY A 254 -4.07 9.32 -5.10
N LEU A 255 -2.82 9.53 -4.71
CA LEU A 255 -2.17 10.81 -4.96
C LEU A 255 -1.96 11.04 -6.45
N VAL A 256 -1.34 10.07 -7.13
CA VAL A 256 -1.11 10.19 -8.56
C VAL A 256 -2.41 10.53 -9.29
N ALA A 257 -3.52 9.91 -8.86
CA ALA A 257 -4.79 10.07 -9.57
C ALA A 257 -5.32 11.49 -9.41
N ALA A 258 -5.13 12.10 -8.24
CA ALA A 258 -5.52 13.48 -8.01
C ALA A 258 -4.47 14.48 -8.47
N GLY A 259 -3.33 14.01 -8.97
CA GLY A 259 -2.29 14.88 -9.47
C GLY A 259 -1.46 15.55 -8.41
N VAL A 260 -1.58 15.16 -7.15
CA VAL A 260 -0.84 15.77 -6.04
C VAL A 260 0.61 15.27 -6.03
N VAL A 261 0.93 14.35 -6.92
CA VAL A 261 2.29 13.80 -7.01
C VAL A 261 2.57 13.43 -8.47
N PRO A 262 3.74 13.75 -9.00
CA PRO A 262 4.00 13.46 -10.43
C PRO A 262 3.69 12.00 -10.76
N SER A 263 3.14 11.78 -11.98
CA SER A 263 2.62 10.48 -12.42
C SER A 263 3.73 9.62 -13.01
N PRO A 264 3.84 8.36 -12.59
CA PRO A 264 4.84 7.46 -13.18
C PRO A 264 4.49 6.98 -14.58
N PHE A 265 3.36 7.39 -15.15
CA PHE A 265 2.91 6.80 -16.41
C PHE A 265 3.68 7.32 -17.61
N GLU A 266 4.19 8.54 -17.55
CA GLU A 266 4.92 9.06 -18.70
C GLU A 266 6.34 8.52 -18.79
N HIS A 267 6.75 7.63 -17.88
CA HIS A 267 8.10 7.11 -17.85
C HIS A 267 8.20 5.60 -17.75
N CYS A 268 7.14 4.90 -17.37
CA CYS A 268 7.22 3.49 -17.06
C CYS A 268 6.56 2.65 -18.15
N HIS A 269 7.04 1.41 -18.27
CA HIS A 269 6.42 0.46 -19.18
C HIS A 269 5.20 -0.21 -18.56
N VAL A 270 5.22 -0.43 -17.25
CA VAL A 270 4.14 -1.08 -16.53
C VAL A 270 3.97 -0.39 -15.19
N VAL A 271 2.73 -0.27 -14.74
CA VAL A 271 2.40 0.31 -13.45
C VAL A 271 1.47 -0.67 -12.73
N THR A 272 1.96 -1.25 -11.65
CA THR A 272 1.15 -2.07 -10.77
C THR A 272 0.64 -1.21 -9.63
N THR A 273 -0.54 -1.54 -9.11
CA THR A 273 -1.12 -0.73 -8.06
C THR A 273 -2.06 -1.55 -7.21
N THR A 274 -2.09 -1.22 -5.94
CA THR A 274 -3.09 -1.76 -5.02
C THR A 274 -4.33 -0.88 -5.08
N THR A 275 -5.51 -1.48 -5.11
CA THR A 275 -6.73 -0.67 -5.25
C THR A 275 -7.18 -0.13 -3.91
N HIS A 276 -6.46 -0.38 -2.86
CA HIS A 276 -6.81 0.23 -1.57
C HIS A 276 -5.76 1.27 -1.23
N LYS A 277 -5.39 1.32 0.03
CA LYS A 277 -4.44 2.32 0.53
C LYS A 277 -4.92 3.67 0.10
N THR A 278 -4.18 4.38 -0.74
CA THR A 278 -4.68 5.77 -0.98
C THR A 278 -5.73 5.82 -2.06
N LEU A 279 -6.38 4.72 -2.40
CA LEU A 279 -7.41 4.72 -3.44
C LEU A 279 -8.72 4.34 -2.75
N ARG A 280 -8.66 3.99 -1.48
CA ARG A 280 -9.87 3.86 -0.69
C ARG A 280 -10.83 2.84 -1.25
N GLY A 281 -10.33 1.88 -2.03
CA GLY A 281 -11.15 0.80 -2.54
C GLY A 281 -11.04 -0.43 -1.66
N CYS A 282 -11.58 -1.53 -2.17
CA CYS A 282 -11.48 -2.82 -1.52
C CYS A 282 -10.16 -3.50 -1.91
N ARG A 283 -9.77 -4.48 -1.12
CA ARG A 283 -8.51 -5.20 -1.37
C ARG A 283 -8.56 -5.83 -2.76
N ALA A 284 -7.71 -5.40 -3.67
CA ALA A 284 -7.58 -5.91 -5.05
C ALA A 284 -6.34 -5.31 -5.71
N GLY A 285 -6.12 -5.52 -6.99
CA GLY A 285 -4.92 -4.93 -7.62
C GLY A 285 -5.09 -4.80 -9.11
N MET A 286 -4.34 -3.95 -9.78
CA MET A 286 -4.43 -3.74 -11.22
C MET A 286 -3.04 -3.68 -11.82
N ILE A 287 -2.96 -3.95 -13.11
CA ILE A 287 -1.71 -3.90 -13.86
C ILE A 287 -1.93 -3.03 -15.09
N PHE A 288 -1.29 -1.86 -15.11
CA PHE A 288 -1.29 -1.00 -16.28
C PHE A 288 -0.08 -1.35 -17.15
N TYR A 289 -0.33 -1.48 -18.46
CA TYR A 289 0.71 -1.89 -19.40
C TYR A 289 0.58 -1.08 -20.67
N ARG A 290 1.70 -0.56 -21.17
CA ARG A 290 1.66 0.24 -22.38
C ARG A 290 1.53 -0.66 -23.60
N LYS A 291 0.55 -0.36 -24.45
CA LYS A 291 0.47 -0.95 -25.77
C LYS A 291 0.78 0.11 -26.81
N GLY A 292 0.97 -0.34 -28.05
CA GLY A 292 1.30 0.58 -29.12
C GLY A 292 2.61 0.25 -29.81
N VAL A 293 3.47 1.25 -29.98
CA VAL A 293 4.72 1.12 -30.72
C VAL A 293 5.89 1.36 -29.78
N LYS A 294 6.87 0.46 -29.82
CA LYS A 294 8.02 0.51 -28.94
C LYS A 294 9.30 0.97 -29.63
N SER A 295 9.65 0.37 -30.76
CA SER A 295 10.90 0.66 -31.44
C SER A 295 10.69 1.58 -32.65
N VAL A 296 11.79 2.18 -33.11
CA VAL A 296 11.77 3.14 -34.21
C VAL A 296 12.08 2.43 -35.52
N ASP A 297 13.36 2.16 -35.77
CA ASP A 297 13.85 1.59 -37.02
C ASP A 297 13.79 2.65 -38.12
N PRO A 298 14.57 3.74 -38.01
CA PRO A 298 14.45 4.85 -38.96
C PRO A 298 14.94 4.52 -40.37
N LYS A 299 15.44 3.31 -40.61
CA LYS A 299 15.74 2.85 -41.96
C LYS A 299 15.08 1.52 -42.30
N THR A 300 14.54 0.80 -41.31
CA THR A 300 13.84 -0.45 -41.56
C THR A 300 12.43 -0.22 -42.10
N GLY A 301 11.85 0.95 -41.88
CA GLY A 301 10.47 1.20 -42.24
C GLY A 301 9.52 0.74 -41.15
N LYS A 302 9.11 -0.53 -41.22
CA LYS A 302 8.27 -1.10 -40.18
C LYS A 302 8.94 -0.97 -38.81
N GLU A 303 8.16 -1.18 -37.77
CA GLU A 303 8.61 -0.94 -36.40
C GLU A 303 8.09 -2.02 -35.46
N ILE A 304 8.73 -2.10 -34.29
CA ILE A 304 8.32 -3.03 -33.25
C ILE A 304 7.12 -2.47 -32.50
N LEU A 305 6.38 -3.35 -31.82
CA LEU A 305 5.21 -2.96 -31.05
C LEU A 305 5.28 -3.56 -29.65
N TYR A 306 4.73 -2.83 -28.69
CA TYR A 306 4.61 -3.35 -27.33
C TYR A 306 3.68 -4.55 -27.33
N ASN A 307 4.23 -5.71 -26.99
CA ASN A 307 3.45 -6.93 -26.80
C ASN A 307 3.12 -7.17 -25.33
N LEU A 308 3.04 -6.10 -24.53
CA LEU A 308 2.81 -6.27 -23.10
C LEU A 308 1.40 -6.76 -22.81
N GLU A 309 0.42 -6.38 -23.64
CA GLU A 309 -0.96 -6.76 -23.36
C GLU A 309 -1.12 -8.26 -23.28
N SER A 310 -0.63 -8.98 -24.30
CA SER A 310 -0.82 -10.44 -24.31
C SER A 310 -0.02 -11.11 -23.20
N LEU A 311 1.23 -10.68 -23.00
CA LEU A 311 2.07 -11.33 -21.99
C LEU A 311 1.49 -11.17 -20.60
N ILE A 312 1.08 -9.95 -20.24
CA ILE A 312 0.57 -9.72 -18.90
C ILE A 312 -0.75 -10.45 -18.69
N ASN A 313 -1.68 -10.31 -19.65
CA ASN A 313 -2.97 -10.98 -19.50
C ASN A 313 -2.82 -12.49 -19.45
N SER A 314 -1.87 -13.04 -20.21
CA SER A 314 -1.67 -14.48 -20.19
C SER A 314 -1.03 -14.97 -18.90
N ALA A 315 -0.34 -14.08 -18.18
CA ALA A 315 0.25 -14.46 -16.89
C ALA A 315 -0.81 -14.47 -15.79
N VAL A 316 -1.71 -13.50 -15.79
CA VAL A 316 -2.81 -13.49 -14.84
C VAL A 316 -3.69 -14.73 -15.05
N PHE A 317 -4.06 -14.99 -16.31
CA PHE A 317 -4.83 -16.18 -16.66
C PHE A 317 -4.56 -16.52 -18.12
N PRO A 318 -4.32 -17.81 -18.44
CA PRO A 318 -4.44 -19.02 -17.60
C PRO A 318 -3.25 -19.27 -16.69
N GLY A 319 -2.39 -18.27 -16.51
CA GLY A 319 -1.18 -18.47 -15.75
C GLY A 319 -1.04 -18.61 -14.25
N LEU A 320 -1.56 -17.64 -13.52
CA LEU A 320 -1.44 -17.66 -12.07
C LEU A 320 -2.76 -17.74 -11.33
N GLN A 321 -3.83 -17.13 -11.83
CA GLN A 321 -5.09 -17.06 -11.12
C GLN A 321 -6.10 -18.01 -11.73
N GLY A 322 -7.32 -17.96 -11.19
CA GLY A 322 -8.44 -18.67 -11.73
C GLY A 322 -9.65 -17.75 -11.90
N GLY A 323 -10.79 -18.16 -11.36
CA GLY A 323 -11.98 -17.34 -11.43
C GLY A 323 -11.77 -15.98 -10.81
N PRO A 324 -11.91 -14.92 -11.62
CA PRO A 324 -11.79 -13.57 -11.07
C PRO A 324 -12.82 -13.32 -9.99
N HIS A 325 -12.47 -12.42 -9.05
CA HIS A 325 -13.37 -12.03 -7.97
C HIS A 325 -14.23 -10.88 -8.44
N ASN A 326 -15.28 -11.23 -9.21
CA ASN A 326 -16.12 -10.20 -9.80
C ASN A 326 -16.70 -9.26 -8.75
N HIS A 327 -16.92 -9.76 -7.53
CA HIS A 327 -17.44 -8.89 -6.48
C HIS A 327 -16.39 -7.86 -6.05
N ALA A 328 -15.10 -8.18 -6.21
CA ALA A 328 -14.06 -7.21 -5.90
C ALA A 328 -13.90 -6.19 -7.02
N ILE A 329 -14.02 -6.64 -8.27
CA ILE A 329 -13.98 -5.71 -9.41
C ILE A 329 -15.10 -4.69 -9.29
N ALA A 330 -16.26 -5.10 -8.76
CA ALA A 330 -17.34 -4.16 -8.53
C ALA A 330 -16.90 -3.03 -7.61
N GLY A 331 -16.34 -3.39 -6.45
CA GLY A 331 -15.87 -2.36 -5.53
C GLY A 331 -14.79 -1.49 -6.12
N VAL A 332 -13.86 -2.10 -6.87
CA VAL A 332 -12.83 -1.32 -7.55
C VAL A 332 -13.47 -0.35 -8.53
N ALA A 333 -14.50 -0.80 -9.25
CA ALA A 333 -15.16 0.08 -10.21
C ALA A 333 -15.77 1.29 -9.52
N VAL A 334 -16.43 1.10 -8.39
CA VAL A 334 -17.05 2.24 -7.71
C VAL A 334 -16.00 3.08 -7.01
N ALA A 335 -14.91 2.49 -6.55
CA ALA A 335 -13.83 3.28 -5.97
C ALA A 335 -13.13 4.11 -7.04
N LEU A 336 -13.06 3.60 -8.28
CA LEU A 336 -12.46 4.36 -9.36
C LEU A 336 -13.31 5.57 -9.74
N LYS A 337 -14.64 5.38 -9.84
CA LYS A 337 -15.51 6.52 -10.03
C LYS A 337 -15.38 7.51 -8.89
N GLN A 338 -15.35 7.01 -7.65
CA GLN A 338 -15.18 7.89 -6.49
C GLN A 338 -13.86 8.65 -6.55
N ALA A 339 -12.83 8.07 -7.17
CA ALA A 339 -11.54 8.74 -7.24
C ALA A 339 -11.50 9.83 -8.30
N MET A 340 -12.38 9.78 -9.30
CA MET A 340 -12.43 10.79 -10.35
C MET A 340 -13.30 11.98 -9.98
N THR A 341 -13.81 12.02 -8.76
CA THR A 341 -14.65 13.13 -8.34
C THR A 341 -13.80 14.35 -8.00
N LEU A 342 -14.49 15.46 -7.72
CA LEU A 342 -13.81 16.62 -7.17
C LEU A 342 -13.52 16.44 -5.70
N GLU A 343 -14.48 15.90 -4.94
CA GLU A 343 -14.25 15.62 -3.53
C GLU A 343 -12.98 14.81 -3.33
N PHE A 344 -12.77 13.80 -4.17
CA PHE A 344 -11.56 12.98 -4.04
C PHE A 344 -10.30 13.79 -4.32
N LYS A 345 -10.38 14.72 -5.27
CA LYS A 345 -9.23 15.55 -5.60
C LYS A 345 -8.79 16.37 -4.39
N VAL A 346 -9.74 17.00 -3.70
CA VAL A 346 -9.37 17.82 -2.54
C VAL A 346 -8.97 16.93 -1.36
N TYR A 347 -9.61 15.76 -1.21
CA TYR A 347 -9.20 14.85 -0.15
C TYR A 347 -7.72 14.51 -0.24
N GLN A 348 -7.22 14.24 -1.45
CA GLN A 348 -5.80 13.91 -1.59
C GLN A 348 -4.92 15.12 -1.30
N HIS A 349 -5.35 16.32 -1.72
CA HIS A 349 -4.58 17.51 -1.40
C HIS A 349 -4.49 17.71 0.11
N GLN A 350 -5.58 17.44 0.83
CA GLN A 350 -5.53 17.50 2.28
C GLN A 350 -4.59 16.44 2.85
N VAL A 351 -4.49 15.29 2.18
CA VAL A 351 -3.53 14.27 2.60
C VAL A 351 -2.12 14.85 2.65
N VAL A 352 -1.64 15.36 1.52
CA VAL A 352 -0.29 15.91 1.48
C VAL A 352 -0.17 17.10 2.43
N ALA A 353 -1.23 17.87 2.59
CA ALA A 353 -1.19 19.02 3.49
C ALA A 353 -1.12 18.56 4.94
N ASN A 354 -2.02 17.67 5.35
CA ASN A 354 -1.97 17.14 6.70
C ASN A 354 -0.64 16.44 6.97
N CYS A 355 -0.03 15.86 5.94
CA CYS A 355 1.26 15.19 6.15
C CYS A 355 2.34 16.19 6.54
N ARG A 356 2.51 17.25 5.74
CA ARG A 356 3.51 18.25 6.09
C ARG A 356 3.13 18.99 7.37
N ALA A 357 1.83 19.24 7.57
CA ALA A 357 1.39 19.84 8.82
C ALA A 357 1.88 19.01 10.02
N LEU A 358 1.82 17.68 9.88
CA LEU A 358 2.33 16.81 10.93
C LEU A 358 3.85 16.79 10.94
N SER A 359 4.46 16.50 9.79
CA SER A 359 5.92 16.48 9.70
C SER A 359 6.53 17.76 10.26
N GLU A 360 5.92 18.90 9.98
CA GLU A 360 6.43 20.17 10.49
C GLU A 360 6.35 20.20 12.02
N ALA A 361 5.18 19.84 12.56
CA ALA A 361 5.00 19.89 14.01
C ALA A 361 6.07 19.06 14.73
N LEU A 362 6.30 17.83 14.28
CA LEU A 362 7.33 17.01 14.90
C LEU A 362 8.72 17.61 14.68
N THR A 363 9.01 18.06 13.46
CA THR A 363 10.31 18.68 13.20
C THR A 363 10.56 19.84 14.16
N GLU A 364 9.54 20.67 14.38
CA GLU A 364 9.68 21.77 15.33
C GLU A 364 9.96 21.25 16.74
N LEU A 365 9.35 20.11 17.09
CA LEU A 365 9.51 19.51 18.41
C LEU A 365 10.85 18.82 18.58
N GLY A 366 11.72 18.84 17.57
CA GLY A 366 13.03 18.24 17.68
C GLY A 366 13.17 16.84 17.13
N TYR A 367 12.18 16.36 16.38
CA TYR A 367 12.22 15.03 15.80
C TYR A 367 12.94 15.07 14.45
N LYS A 368 13.79 14.08 14.22
CA LYS A 368 14.46 13.92 12.94
C LYS A 368 13.49 13.21 11.98
N ILE A 369 12.98 13.94 11.00
CA ILE A 369 12.16 13.36 9.95
C ILE A 369 13.08 12.95 8.82
N VAL A 370 13.13 11.64 8.53
CA VAL A 370 14.02 11.14 7.50
C VAL A 370 13.77 11.87 6.20
N THR A 371 14.85 12.33 5.58
CA THR A 371 14.88 13.08 4.32
C THR A 371 14.50 14.54 4.52
N GLY A 372 14.08 14.94 5.73
CA GLY A 372 13.71 16.30 6.02
C GLY A 372 12.21 16.55 6.01
N GLY A 373 11.46 15.79 5.22
CA GLY A 373 10.02 15.98 5.13
C GLY A 373 9.36 14.95 4.26
N SER A 374 8.40 15.37 3.44
CA SER A 374 7.69 14.41 2.59
C SER A 374 7.03 15.14 1.43
N ASP A 375 7.01 14.48 0.28
CA ASP A 375 6.31 15.04 -0.89
C ASP A 375 4.99 14.31 -1.07
N ASN A 376 4.72 13.34 -0.21
CA ASN A 376 3.52 12.47 -0.34
C ASN A 376 2.82 12.38 1.00
N HIS A 377 2.05 11.35 1.22
CA HIS A 377 1.19 11.13 2.41
C HIS A 377 1.83 10.51 3.64
N LEU A 378 3.13 10.22 3.66
CA LEU A 378 3.71 9.58 4.84
C LEU A 378 5.07 10.18 5.14
N ILE A 379 5.53 9.94 6.37
CA ILE A 379 6.83 10.41 6.84
C ILE A 379 7.46 9.32 7.69
N LEU A 380 8.77 9.18 7.60
CA LEU A 380 9.53 8.28 8.46
C LEU A 380 10.31 9.13 9.45
N VAL A 381 9.94 9.03 10.72
CA VAL A 381 10.58 9.80 11.78
C VAL A 381 11.58 8.92 12.51
N ASP A 382 12.82 9.39 12.59
CA ASP A 382 13.94 8.64 13.18
C ASP A 382 13.95 8.91 14.67
N LEU A 383 13.47 7.95 15.46
CA LEU A 383 13.32 8.14 16.90
C LEU A 383 14.64 8.24 17.64
N ARG A 384 15.78 8.04 16.97
CA ARG A 384 17.05 8.21 17.65
C ARG A 384 17.29 9.66 18.05
N SER A 385 16.54 10.60 17.46
CA SER A 385 16.64 12.00 17.86
C SER A 385 16.05 12.24 19.24
N LYS A 386 15.21 11.34 19.72
CA LYS A 386 14.65 11.42 21.07
C LYS A 386 15.20 10.35 22.00
N GLY A 387 16.10 9.49 21.51
CA GLY A 387 16.74 8.51 22.35
C GLY A 387 15.98 7.21 22.54
N THR A 388 15.22 6.77 21.54
CA THR A 388 14.47 5.52 21.64
C THR A 388 14.48 4.85 20.27
N ASP A 389 13.69 3.78 20.13
CA ASP A 389 13.58 3.06 18.87
C ASP A 389 12.11 2.76 18.61
N GLY A 390 11.78 2.62 17.31
CA GLY A 390 10.41 2.37 16.91
C GLY A 390 9.83 1.07 17.46
N GLY A 391 10.69 0.10 17.78
CA GLY A 391 10.18 -1.14 18.34
C GLY A 391 9.45 -0.93 19.66
N ARG A 392 10.09 -0.22 20.59
CA ARG A 392 9.45 0.05 21.88
C ARG A 392 8.35 1.10 21.73
N ALA A 393 8.56 2.09 20.87
CA ALA A 393 7.57 3.16 20.72
C ALA A 393 6.30 2.65 20.07
N GLU A 394 6.42 1.78 19.06
CA GLU A 394 5.24 1.20 18.42
C GLU A 394 4.30 0.58 19.45
N LYS A 395 4.82 -0.32 20.28
CA LYS A 395 3.97 -1.10 21.17
C LYS A 395 3.41 -0.29 22.33
N VAL A 396 3.94 0.90 22.60
CA VAL A 396 3.34 1.77 23.61
C VAL A 396 2.27 2.66 23.01
N LEU A 397 2.50 3.20 21.82
CA LEU A 397 1.45 3.95 21.12
C LEU A 397 0.23 3.07 20.89
N GLU A 398 0.45 1.82 20.48
CA GLU A 398 -0.66 0.90 20.29
C GLU A 398 -1.47 0.76 21.58
N ALA A 399 -0.80 0.60 22.72
CA ALA A 399 -1.51 0.51 23.99
C ALA A 399 -2.29 1.79 24.29
N CYS A 400 -1.98 2.88 23.61
CA CYS A 400 -2.69 4.14 23.78
C CYS A 400 -3.72 4.38 22.68
N SER A 401 -3.98 3.38 21.84
CA SER A 401 -5.01 3.45 20.80
C SER A 401 -4.61 4.35 19.64
N ILE A 402 -3.33 4.67 19.49
CA ILE A 402 -2.81 5.29 18.27
C ILE A 402 -1.88 4.26 17.64
N ALA A 403 -2.26 3.76 16.46
CA ALA A 403 -1.58 2.64 15.85
C ALA A 403 -0.68 3.11 14.71
N CYS A 404 0.48 2.46 14.59
CA CYS A 404 1.39 2.65 13.47
C CYS A 404 2.31 1.43 13.45
N ASN A 405 3.45 1.57 12.78
CA ASN A 405 4.39 0.46 12.65
C ASN A 405 5.82 0.98 12.71
N LYS A 406 6.70 0.16 13.25
CA LYS A 406 8.12 0.48 13.22
C LYS A 406 8.65 0.37 11.79
N ASN A 407 9.87 0.86 11.60
CA ASN A 407 10.49 0.80 10.27
C ASN A 407 11.96 1.20 10.41
N THR A 408 12.83 0.47 9.73
CA THR A 408 14.25 0.79 9.74
C THR A 408 14.50 2.15 9.08
N CYS A 409 15.50 2.85 9.61
CA CYS A 409 15.87 4.16 9.09
C CYS A 409 17.16 4.09 8.29
N PRO A 410 17.32 4.94 7.29
CA PRO A 410 18.61 5.01 6.58
C PRO A 410 19.76 5.19 7.54
N GLY A 411 20.65 4.20 7.59
CA GLY A 411 21.75 4.20 8.52
C GLY A 411 21.50 3.43 9.81
N ASP A 412 20.46 2.61 9.86
CA ASP A 412 20.19 1.82 11.06
C ASP A 412 21.26 0.77 11.26
N ARG A 413 21.69 0.60 12.51
CA ARG A 413 22.80 -0.28 12.84
C ARG A 413 22.41 -1.74 13.00
N SER A 414 21.11 -2.04 13.08
CA SER A 414 20.66 -3.43 13.19
C SER A 414 19.18 -3.50 12.87
N ALA A 415 18.81 -4.51 12.07
CA ALA A 415 17.42 -4.67 11.68
C ALA A 415 16.53 -5.13 12.82
N LEU A 416 17.11 -5.45 13.98
CA LEU A 416 16.34 -5.93 15.13
C LEU A 416 15.85 -4.80 16.03
N ARG A 417 16.62 -3.71 16.16
CA ARG A 417 16.18 -2.56 16.92
C ARG A 417 15.91 -1.40 15.97
N PRO A 418 14.83 -1.47 15.18
CA PRO A 418 14.55 -0.39 14.22
C PRO A 418 14.16 0.88 14.95
N SER A 419 14.79 1.99 14.57
CA SER A 419 14.64 3.25 15.27
C SER A 419 13.66 4.20 14.59
N GLY A 420 12.81 3.70 13.71
CA GLY A 420 11.92 4.54 12.95
C GLY A 420 10.47 4.15 13.07
N LEU A 421 9.60 5.15 13.01
CA LEU A 421 8.16 4.96 12.91
C LEU A 421 7.68 5.54 11.59
N ARG A 422 6.74 4.86 10.94
CA ARG A 422 6.17 5.31 9.68
C ARG A 422 4.72 5.72 9.91
N LEU A 423 4.46 7.02 9.91
CA LEU A 423 3.13 7.57 10.06
C LEU A 423 2.64 8.11 8.72
N GLY A 424 1.35 7.93 8.46
CA GLY A 424 0.74 8.46 7.25
C GLY A 424 -0.61 9.06 7.56
N THR A 425 -0.99 10.06 6.77
CA THR A 425 -2.25 10.75 7.01
C THR A 425 -3.46 10.02 6.43
N PRO A 426 -3.36 9.44 5.21
CA PRO A 426 -4.59 9.11 4.45
C PRO A 426 -5.72 8.51 5.26
N ALA A 427 -5.38 7.63 6.20
CA ALA A 427 -6.41 6.97 7.01
C ALA A 427 -7.18 7.97 7.86
N LEU A 428 -6.46 8.75 8.67
CA LEU A 428 -7.13 9.70 9.56
C LEU A 428 -7.79 10.82 8.78
N THR A 429 -7.06 11.43 7.84
CA THR A 429 -7.64 12.51 7.05
C THR A 429 -8.89 12.06 6.32
N SER A 430 -9.02 10.76 6.03
CA SER A 430 -10.25 10.25 5.43
C SER A 430 -11.46 10.45 6.33
N ARG A 431 -11.25 10.64 7.64
CA ARG A 431 -12.36 10.87 8.56
C ARG A 431 -12.72 12.33 8.69
N GLY A 432 -11.78 13.23 8.45
CA GLY A 432 -12.08 14.66 8.49
C GLY A 432 -10.99 15.50 9.13
N LEU A 433 -9.96 14.85 9.67
CA LEU A 433 -8.88 15.58 10.31
C LEU A 433 -8.31 16.64 9.38
N LEU A 434 -7.92 17.77 9.96
CA LEU A 434 -7.32 18.87 9.21
C LEU A 434 -5.98 19.21 9.83
N GLU A 435 -5.25 20.12 9.17
CA GLU A 435 -3.94 20.52 9.70
C GLU A 435 -4.02 20.84 11.18
N LYS A 436 -4.95 21.72 11.55
CA LYS A 436 -5.18 22.01 12.96
C LYS A 436 -5.27 20.73 13.78
N ASP A 437 -6.10 19.79 13.34
CA ASP A 437 -6.29 18.55 14.08
C ASP A 437 -5.02 17.70 14.11
N PHE A 438 -4.33 17.58 12.98
CA PHE A 438 -3.16 16.74 12.92
C PHE A 438 -2.05 17.24 13.84
N GLN A 439 -2.03 18.53 14.14
CA GLN A 439 -1.10 19.03 15.14
C GLN A 439 -1.42 18.47 16.51
N LYS A 440 -2.71 18.35 16.83
CA LYS A 440 -3.10 17.68 18.07
C LYS A 440 -2.69 16.21 18.03
N VAL A 441 -2.76 15.58 16.85
CA VAL A 441 -2.31 14.21 16.72
C VAL A 441 -0.81 14.10 16.95
N ALA A 442 -0.04 15.11 16.54
CA ALA A 442 1.40 15.08 16.75
C ALA A 442 1.75 15.26 18.21
N HIS A 443 0.96 16.05 18.95
CA HIS A 443 1.20 16.22 20.38
C HIS A 443 0.89 14.94 21.13
N PHE A 444 -0.23 14.29 20.81
CA PHE A 444 -0.53 13.00 21.41
C PHE A 444 0.58 12.00 21.15
N ILE A 445 1.04 11.94 19.89
CA ILE A 445 2.15 11.03 19.56
C ILE A 445 3.33 11.28 20.47
N HIS A 446 3.81 12.52 20.50
CA HIS A 446 4.96 12.85 21.35
C HIS A 446 4.74 12.37 22.78
N ARG A 447 3.58 12.69 23.36
CA ARG A 447 3.28 12.21 24.70
C ARG A 447 3.43 10.71 24.81
N GLY A 448 3.20 9.99 23.71
CA GLY A 448 3.48 8.57 23.70
C GLY A 448 4.97 8.27 23.81
N ILE A 449 5.79 9.00 23.05
CA ILE A 449 7.24 8.81 23.14
C ILE A 449 7.74 9.20 24.52
N GLU A 450 7.14 10.22 25.14
CA GLU A 450 7.52 10.56 26.51
C GLU A 450 7.36 9.35 27.43
N LEU A 451 6.30 8.57 27.23
CA LEU A 451 6.11 7.34 28.01
C LEU A 451 7.18 6.32 27.65
N THR A 452 7.39 6.07 26.36
CA THR A 452 8.39 5.10 25.92
C THR A 452 9.74 5.38 26.57
N LEU A 453 10.12 6.65 26.67
CA LEU A 453 11.41 6.99 27.28
C LEU A 453 11.42 6.65 28.76
N GLN A 454 10.30 6.86 29.45
CA GLN A 454 10.21 6.52 30.86
C GLN A 454 10.31 5.01 31.07
N ILE A 455 9.45 4.25 30.39
CA ILE A 455 9.48 2.79 30.50
C ILE A 455 10.84 2.26 30.09
N GLN A 456 11.56 2.99 29.24
CA GLN A 456 12.88 2.57 28.82
C GLN A 456 13.95 2.90 29.85
N SER A 457 13.76 3.99 30.61
CA SER A 457 14.72 4.33 31.66
C SER A 457 14.66 3.35 32.82
N ASP A 458 13.45 2.87 33.14
CA ASP A 458 13.31 1.87 34.19
C ASP A 458 14.07 0.60 33.82
N THR A 459 13.75 0.00 32.68
CA THR A 459 14.53 -1.13 32.19
C THR A 459 16.00 -0.75 32.09
N GLY A 460 16.30 0.35 31.41
CA GLY A 460 17.64 0.90 31.35
C GLY A 460 18.59 -0.26 31.16
N VAL A 461 19.53 -0.38 32.08
CA VAL A 461 20.66 -1.34 31.98
C VAL A 461 20.10 -2.65 31.42
N ARG A 462 19.09 -3.22 32.08
CA ARG A 462 18.42 -4.48 31.67
C ARG A 462 17.60 -4.10 30.42
N ALA A 463 18.21 -4.21 29.23
CA ALA A 463 17.63 -3.76 27.95
C ALA A 463 17.19 -4.96 27.15
N THR A 464 15.92 -5.29 27.22
CA THR A 464 15.39 -6.38 26.41
C THR A 464 13.94 -6.06 26.04
N LEU A 465 13.56 -6.38 24.80
CA LEU A 465 12.21 -6.07 24.35
C LEU A 465 11.17 -6.82 25.18
N LYS A 466 11.45 -8.08 25.51
CA LYS A 466 10.52 -8.84 26.36
C LYS A 466 10.33 -8.15 27.70
N GLU A 467 11.40 -7.58 28.26
CA GLU A 467 11.29 -6.86 29.53
C GLU A 467 10.53 -5.56 29.36
N PHE A 468 10.90 -4.77 28.35
CA PHE A 468 10.16 -3.55 28.05
C PHE A 468 8.68 -3.84 27.80
N LYS A 469 8.41 -4.87 26.99
CA LYS A 469 7.03 -5.26 26.72
C LYS A 469 6.27 -5.53 28.01
N GLU A 470 6.92 -6.16 28.99
CA GLU A 470 6.26 -6.48 30.25
C GLU A 470 6.09 -5.23 31.12
N ARG A 471 7.17 -4.45 31.29
CA ARG A 471 7.10 -3.27 32.15
C ARG A 471 5.93 -2.37 31.78
N LEU A 472 5.62 -2.27 30.50
CA LEU A 472 4.47 -1.48 30.07
C LEU A 472 3.17 -2.12 30.53
N ALA A 473 3.00 -3.41 30.26
CA ALA A 473 1.82 -4.12 30.75
C ALA A 473 1.78 -4.18 32.28
N GLY A 474 2.86 -3.79 32.95
CA GLY A 474 2.87 -3.77 34.40
C GLY A 474 1.96 -2.71 34.98
N ASP A 475 1.84 -2.74 36.31
CA ASP A 475 0.86 -1.89 36.98
C ASP A 475 1.35 -0.45 37.13
N LYS A 476 2.66 -0.23 37.24
CA LYS A 476 3.16 1.13 37.47
C LYS A 476 2.67 2.07 36.38
N TYR A 477 2.80 1.66 35.11
CA TYR A 477 2.43 2.51 33.99
C TYR A 477 1.00 2.28 33.51
N GLN A 478 0.34 1.22 33.97
CA GLN A 478 -1.02 0.96 33.50
C GLN A 478 -1.98 2.07 33.87
N ALA A 479 -1.60 2.95 34.79
CA ALA A 479 -2.40 4.15 35.06
C ALA A 479 -2.02 5.29 34.12
N ALA A 480 -0.74 5.42 33.79
CA ALA A 480 -0.30 6.50 32.91
C ALA A 480 -0.73 6.26 31.48
N VAL A 481 -0.65 5.01 31.01
CA VAL A 481 -1.11 4.70 29.65
C VAL A 481 -2.61 4.93 29.55
N GLN A 482 -3.37 4.43 30.52
CA GLN A 482 -4.81 4.66 30.52
C GLN A 482 -5.13 6.15 30.49
N ALA A 483 -4.31 6.97 31.14
CA ALA A 483 -4.56 8.42 31.16
C ALA A 483 -4.47 8.99 29.75
N LEU A 484 -3.38 8.70 29.03
CA LEU A 484 -3.23 9.17 27.67
C LEU A 484 -4.20 8.48 26.72
N ARG A 485 -4.57 7.24 27.03
CA ARG A 485 -5.50 6.50 26.17
C ARG A 485 -6.90 7.11 26.21
N GLU A 486 -7.37 7.47 27.41
CA GLU A 486 -8.66 8.15 27.51
C GLU A 486 -8.69 9.40 26.61
N GLU A 487 -7.59 10.15 26.59
CA GLU A 487 -7.56 11.43 25.89
C GLU A 487 -7.56 11.22 24.38
N VAL A 488 -6.82 10.22 23.89
CA VAL A 488 -6.73 10.01 22.44
C VAL A 488 -8.04 9.44 21.91
N GLU A 489 -8.68 8.56 22.67
CA GLU A 489 -9.96 8.01 22.22
C GLU A 489 -11.07 9.04 22.27
N SER A 490 -11.09 9.86 23.32
CA SER A 490 -12.05 10.96 23.37
C SER A 490 -11.91 11.87 22.15
N PHE A 491 -10.69 12.04 21.65
CA PHE A 491 -10.49 12.84 20.46
C PHE A 491 -10.91 12.09 19.19
N ALA A 492 -10.45 10.85 19.04
CA ALA A 492 -10.79 10.09 17.84
C ALA A 492 -12.28 9.88 17.70
N SER A 493 -13.00 9.76 18.81
CA SER A 493 -14.44 9.51 18.75
C SER A 493 -15.20 10.67 18.11
N LEU A 494 -14.60 11.86 18.07
CA LEU A 494 -15.31 13.05 17.62
C LEU A 494 -15.58 13.05 16.11
N PHE A 495 -14.90 12.20 15.36
CA PHE A 495 -14.97 12.18 13.90
C PHE A 495 -15.77 10.99 13.39
N PRO A 496 -16.17 11.02 12.11
CA PRO A 496 -16.95 9.91 11.56
C PRO A 496 -16.11 8.66 11.28
N LEU A 497 -16.75 7.63 10.69
CA LEU A 497 -16.07 6.38 10.35
C LEU A 497 -16.85 5.74 9.20
N PRO A 498 -16.36 5.90 7.97
CA PRO A 498 -17.17 5.50 6.80
C PRO A 498 -17.46 4.00 6.77
N GLY A 499 -18.73 3.67 6.53
CA GLY A 499 -19.12 2.28 6.34
C GLY A 499 -20.29 1.78 7.17
N LEU A 500 -20.29 2.07 8.47
CA LEU A 500 -21.28 1.49 9.38
C LEU A 500 -22.62 2.20 9.31
N1 PLP B . 3.30 -2.83 -2.98
C2 PLP B . 3.24 -1.93 -1.94
C2A PLP B . 4.11 -0.71 -1.95
C3 PLP B . 2.34 -2.15 -0.89
O3 PLP B . 2.27 -1.26 0.15
C4 PLP B . 1.53 -3.29 -0.87
C4A PLP B . 1.20 -3.80 0.51
C5 PLP B . 1.61 -4.18 -1.93
C6 PLP B . 2.50 -3.95 -2.98
C5A PLP B . 0.76 -5.44 -2.01
O4P PLP B . 0.28 -5.89 -0.77
P PLP B . -1.19 -6.54 -0.70
O1P PLP B . -1.67 -6.61 0.74
O2P PLP B . -2.13 -5.69 -1.51
O3P PLP B . -1.15 -7.94 -1.29
C1 DXC C . -4.88 -22.85 -23.74
C2 DXC C . -4.74 -23.02 -22.25
C3 DXC C . -6.06 -23.24 -21.50
C4 DXC C . -6.99 -24.28 -22.18
C5 DXC C . -7.10 -23.97 -23.69
C6 DXC C . -6.33 -22.73 -24.12
C7 DXC C . -6.80 -21.94 -21.23
C8 DXC C . -7.88 -22.13 -20.17
C9 DXC C . -8.35 -23.58 -20.11
C10 DXC C . -8.39 -24.21 -21.51
C11 DXC C . -9.77 -23.61 -19.53
C12 DXC C . -10.41 -25.01 -19.36
C13 DXC C . -10.47 -25.64 -20.76
C14 DXC C . -9.11 -25.60 -21.46
C15 DXC C . -10.07 -22.93 -18.19
C16 DXC C . -11.54 -23.32 -17.93
C17 DXC C . -11.79 -24.62 -18.75
C18 DXC C . -6.36 -25.69 -22.05
C19 DXC C . -12.58 -25.63 -17.89
O1 DXC C . -11.40 -24.95 -21.61
O2 DXC C . -4.16 -21.66 -24.13
C20 DXC C . -9.62 -25.91 -18.40
C21 DXC C . -14.10 -25.36 -17.92
C22 DXC C . -14.59 -24.27 -16.97
C23 DXC C . -14.29 -24.62 -15.52
O3 DXC C . -13.91 -25.75 -15.20
C24 DXC C . -12.33 -27.09 -18.29
N GLY D . -14.47 -23.65 -14.62
CA GLY D . -13.70 -23.61 -13.40
C GLY D . -13.79 -24.91 -12.59
O GLY D . -12.79 -25.65 -12.60
OXT GLY D . -14.86 -25.14 -11.99
#